data_3FCN
#
_entry.id   3FCN
#
_cell.length_a   70.707
_cell.length_b   54.561
_cell.length_c   57.250
_cell.angle_alpha   90.000
_cell.angle_beta   90.000
_cell.angle_gamma   90.000
#
_symmetry.space_group_name_H-M   'P 21 21 2'
#
loop_
_entity.id
_entity.type
_entity.pdbx_description
1 polymer 'an alpha-helical protein of unknown function (Pfam01724)'
2 water water
#
_entity_poly.entity_id   1
_entity_poly.type   'polypeptide(L)'
_entity_poly.pdbx_seq_one_letter_code
;G(MSE)G(MSE)EHKTYEADLFVWCQQQADGLRALSRSRRDLPDDLDLEHIAEEIED(MSE)GRSELREATSLVRQICVR
VI(MSE)A(MSE)SAPEAPDRARWRSEVVSWHNLLLDTITPG(MSE)IDRIDIGVIWRRAVSEAKAALIEINVAPQAGLS
FQAPLPADHFLDEDFDYDATVARLGPTA
;
_entity_poly.pdbx_strand_id   A
#
# COMPACT_ATOMS: atom_id res chain seq x y z
N GLU A 5 -12.98 -17.08 10.32
CA GLU A 5 -12.56 -17.04 11.76
C GLU A 5 -12.59 -15.59 12.31
N HIS A 6 -13.17 -15.39 13.48
CA HIS A 6 -13.20 -14.06 14.12
C HIS A 6 -11.80 -13.53 14.33
N LYS A 7 -11.60 -12.28 13.96
CA LYS A 7 -10.34 -11.59 14.22
CA LYS A 7 -10.35 -11.58 14.21
C LYS A 7 -10.55 -10.41 15.16
N THR A 8 -9.71 -10.29 16.19
CA THR A 8 -9.79 -9.16 17.09
C THR A 8 -9.27 -7.91 16.36
N TYR A 9 -9.66 -6.81 16.93
CA TYR A 9 -9.19 -5.48 16.58
C TYR A 9 -7.67 -5.38 16.45
N GLU A 10 -6.98 -6.00 17.39
CA GLU A 10 -5.54 -6.00 17.40
C GLU A 10 -4.96 -6.96 16.38
N ALA A 11 -5.53 -8.16 16.25
CA ALA A 11 -4.94 -9.21 15.40
C ALA A 11 -5.02 -8.85 13.93
N ASP A 12 -6.14 -8.27 13.51
CA ASP A 12 -6.30 -7.93 12.10
C ASP A 12 -7.36 -6.85 11.94
N LEU A 13 -6.92 -5.63 11.96
CA LEU A 13 -7.82 -4.48 11.92
C LEU A 13 -8.68 -4.50 10.63
N PHE A 14 -8.07 -4.91 9.53
CA PHE A 14 -8.73 -4.93 8.23
C PHE A 14 -9.87 -5.92 8.22
N VAL A 15 -9.60 -7.13 8.67
CA VAL A 15 -10.68 -8.13 8.73
C VAL A 15 -11.72 -7.74 9.78
N TRP A 16 -11.26 -7.23 10.91
CA TRP A 16 -12.17 -6.77 11.97
C TRP A 16 -13.16 -5.76 11.40
N CYS A 17 -12.71 -4.81 10.57
CA CYS A 17 -13.63 -3.79 10.04
C CYS A 17 -14.76 -4.46 9.28
N GLN A 18 -14.44 -5.47 8.48
CA GLN A 18 -15.51 -6.08 7.68
C GLN A 18 -16.43 -6.93 8.56
N GLN A 19 -15.83 -7.72 9.47
CA GLN A 19 -16.63 -8.57 10.35
C GLN A 19 -17.53 -7.75 11.28
N GLN A 20 -16.99 -6.64 11.78
CA GLN A 20 -17.78 -5.79 12.66
C GLN A 20 -18.90 -5.06 11.90
N ALA A 21 -18.63 -4.55 10.70
CA ALA A 21 -19.69 -3.93 9.93
C ALA A 21 -20.79 -4.96 9.65
N ASP A 22 -20.42 -6.18 9.28
CA ASP A 22 -21.41 -7.23 9.03
C ASP A 22 -22.20 -7.56 10.29
N GLY A 23 -21.51 -7.61 11.43
CA GLY A 23 -22.17 -7.90 12.70
C GLY A 23 -23.11 -6.81 13.14
N LEU A 24 -22.73 -5.55 12.92
CA LEU A 24 -23.59 -4.44 13.25
C LEU A 24 -24.88 -4.49 12.45
N ARG A 25 -24.75 -4.74 11.15
CA ARG A 25 -25.91 -4.84 10.30
C ARG A 25 -26.81 -6.01 10.70
N ALA A 26 -26.21 -7.14 11.03
CA ALA A 26 -27.00 -8.32 11.41
C ALA A 26 -27.80 -8.01 12.66
N LEU A 27 -27.17 -7.34 13.62
CA LEU A 27 -27.86 -6.99 14.85
C LEU A 27 -28.99 -5.99 14.58
N SER A 28 -28.68 -4.95 13.80
CA SER A 28 -29.65 -3.90 13.52
CA SER A 28 -29.66 -3.89 13.55
C SER A 28 -30.88 -4.43 12.82
N ARG A 29 -30.67 -5.37 11.92
CA ARG A 29 -31.74 -5.84 11.03
C ARG A 29 -32.56 -6.92 11.70
N SER A 30 -32.11 -7.43 12.85
CA SER A 30 -32.81 -8.51 13.54
CA SER A 30 -32.83 -8.51 13.52
C SER A 30 -33.60 -8.04 14.74
N ARG A 31 -32.98 -7.20 15.56
CA ARG A 31 -33.65 -6.73 16.79
C ARG A 31 -34.63 -5.57 16.53
N ARG A 32 -35.79 -5.64 17.17
CA ARG A 32 -36.79 -4.59 17.06
C ARG A 32 -36.82 -3.66 18.29
N ASP A 33 -35.92 -3.91 19.26
CA ASP A 33 -35.91 -3.21 20.55
C ASP A 33 -34.60 -2.47 20.85
N LEU A 34 -33.83 -2.15 19.82
CA LEU A 34 -32.64 -1.32 20.03
C LEU A 34 -33.05 0.14 20.01
N PRO A 35 -32.23 1.02 20.61
CA PRO A 35 -32.59 2.42 20.63
C PRO A 35 -32.66 2.97 19.21
N ASP A 36 -33.74 3.68 18.89
CA ASP A 36 -33.92 4.23 17.54
C ASP A 36 -32.82 5.26 17.19
N ASP A 37 -32.25 5.92 18.17
CA ASP A 37 -31.25 6.96 17.88
C ASP A 37 -29.87 6.33 17.73
N LEU A 38 -29.74 5.02 17.89
CA LEU A 38 -28.46 4.39 17.65
C LEU A 38 -28.39 3.94 16.18
N ASP A 39 -27.50 4.56 15.44
CA ASP A 39 -27.50 4.49 13.99
C ASP A 39 -26.53 3.42 13.51
N LEU A 40 -26.89 2.15 13.73
CA LEU A 40 -26.01 1.06 13.45
C LEU A 40 -25.69 0.95 11.96
N GLU A 41 -26.60 1.36 11.09
CA GLU A 41 -26.34 1.29 9.66
C GLU A 41 -25.21 2.22 9.23
N HIS A 42 -25.26 3.49 9.66
CA HIS A 42 -24.19 4.38 9.27
C HIS A 42 -22.90 4.10 10.02
N ILE A 43 -22.99 3.63 11.27
CA ILE A 43 -21.79 3.17 11.99
C ILE A 43 -21.09 2.06 11.19
N ALA A 44 -21.87 1.03 10.76
CA ALA A 44 -21.31 -0.06 9.96
C ALA A 44 -20.65 0.46 8.67
N GLU A 45 -21.32 1.41 8.01
CA GLU A 45 -20.75 1.98 6.76
CA GLU A 45 -20.77 2.00 6.77
C GLU A 45 -19.41 2.63 7.04
N GLU A 46 -19.32 3.39 8.13
CA GLU A 46 -18.07 4.07 8.48
C GLU A 46 -16.99 3.08 8.84
N ILE A 47 -17.33 2.03 9.57
CA ILE A 47 -16.34 1.03 9.99
C ILE A 47 -15.84 0.29 8.76
N GLU A 48 -16.76 -0.05 7.88
CA GLU A 48 -16.41 -0.72 6.64
CA GLU A 48 -16.39 -0.74 6.64
C GLU A 48 -15.46 0.14 5.83
N ASP A 49 -15.75 1.44 5.73
CA ASP A 49 -14.94 2.39 4.96
CA ASP A 49 -14.94 2.32 4.94
C ASP A 49 -13.56 2.56 5.57
N MSE A 50 -13.45 2.51 6.91
CA MSE A 50 -12.14 2.59 7.53
CA MSE A 50 -12.16 2.59 7.56
CA MSE A 50 -12.13 2.56 7.55
CA MSE A 50 -12.16 2.53 7.60
C MSE A 50 -11.24 1.45 7.07
O MSE A 50 -10.03 1.68 6.84
CB MSE A 50 -12.23 2.60 9.05
CB MSE A 50 -12.34 2.60 9.10
CB MSE A 50 -12.24 2.46 9.05
CB MSE A 50 -12.39 2.30 9.10
CG MSE A 50 -10.93 2.95 9.68
CG MSE A 50 -11.13 3.07 9.86
CG MSE A 50 -12.69 3.73 9.64
CG MSE A 50 -11.14 2.02 9.90
SE MSE A 50 -11.08 2.79 11.55
SE MSE A 50 -10.06 1.54 10.35
SE MSE A 50 -13.08 3.41 11.47
SE MSE A 50 -11.68 2.05 11.77
CE MSE A 50 -11.69 0.94 11.70
CE MSE A 50 -10.83 1.25 12.11
CE MSE A 50 -14.36 4.83 11.78
CE MSE A 50 -10.07 1.21 12.47
N GLY A 51 -11.79 0.27 6.93
CA GLY A 51 -11.05 -0.88 6.38
C GLY A 51 -10.51 -0.58 5.03
N ARG A 52 -11.38 -0.06 4.16
CA ARG A 52 -11.00 0.32 2.81
CA ARG A 52 -10.96 0.24 2.82
C ARG A 52 -9.90 1.36 2.81
N SER A 53 -9.98 2.31 3.73
CA SER A 53 -8.97 3.36 3.86
CA SER A 53 -8.99 3.37 3.90
C SER A 53 -7.60 2.83 4.28
N GLU A 54 -7.59 1.83 5.16
CA GLU A 54 -6.33 1.18 5.53
C GLU A 54 -5.67 0.54 4.33
N LEU A 55 -6.47 -0.15 3.53
CA LEU A 55 -5.94 -0.78 2.33
C LEU A 55 -5.47 0.27 1.33
N ARG A 56 -6.18 1.39 1.22
CA ARG A 56 -5.76 2.44 0.30
CA ARG A 56 -5.76 2.45 0.32
C ARG A 56 -4.39 2.97 0.76
N GLU A 57 -4.20 3.14 2.07
CA GLU A 57 -2.96 3.65 2.60
CA GLU A 57 -2.95 3.64 2.60
CA GLU A 57 -2.94 3.66 2.57
C GLU A 57 -1.81 2.67 2.34
N ALA A 58 -2.02 1.39 2.61
CA ALA A 58 -0.98 0.40 2.35
C ALA A 58 -0.59 0.36 0.86
N THR A 59 -1.60 0.40 0.02
CA THR A 59 -1.41 0.43 -1.42
C THR A 59 -0.56 1.63 -1.84
N SER A 60 -0.85 2.79 -1.28
CA SER A 60 -0.14 4.02 -1.59
CA SER A 60 -0.12 4.00 -1.62
C SER A 60 1.32 3.93 -1.14
N LEU A 61 1.55 3.35 0.03
CA LEU A 61 2.91 3.22 0.53
C LEU A 61 3.75 2.28 -0.36
N VAL A 62 3.16 1.16 -0.80
CA VAL A 62 3.86 0.26 -1.72
C VAL A 62 4.18 1.03 -3.02
N ARG A 63 3.23 1.78 -3.53
CA ARG A 63 3.43 2.57 -4.74
CA ARG A 63 3.45 2.55 -4.75
C ARG A 63 4.63 3.52 -4.60
N GLN A 64 4.65 4.27 -3.49
CA GLN A 64 5.68 5.28 -3.27
CA GLN A 64 5.68 5.27 -3.23
C GLN A 64 7.05 4.62 -3.20
N ILE A 65 7.14 3.45 -2.54
CA ILE A 65 8.38 2.66 -2.44
C ILE A 65 8.79 2.27 -3.85
N CYS A 66 7.85 1.77 -4.63
CA CYS A 66 8.16 1.36 -6.03
C CYS A 66 8.68 2.51 -6.86
N VAL A 67 8.11 3.70 -6.71
CA VAL A 67 8.59 4.86 -7.45
C VAL A 67 10.04 5.11 -7.13
N ARG A 68 10.42 5.05 -5.86
CA ARG A 68 11.82 5.31 -5.53
CA ARG A 68 11.81 5.30 -5.50
C ARG A 68 12.72 4.19 -6.00
N VAL A 69 12.25 2.94 -5.98
CA VAL A 69 13.03 1.85 -6.52
C VAL A 69 13.29 2.07 -8.04
N ILE A 70 12.27 2.50 -8.77
CA ILE A 70 12.40 2.67 -10.21
C ILE A 70 13.34 3.83 -10.49
N MSE A 71 13.26 4.89 -9.67
CA MSE A 71 14.11 6.06 -9.87
C MSE A 71 15.55 5.68 -9.67
O MSE A 71 16.40 6.09 -10.47
CB MSE A 71 13.69 7.22 -9.03
CG MSE A 71 12.43 7.87 -9.48
SE MSE A 71 11.69 9.26 -8.42
CE MSE A 71 12.88 10.70 -9.08
N ALA A 72 15.85 4.85 -8.67
CA ALA A 72 17.25 4.42 -8.46
C ALA A 72 17.70 3.48 -9.54
N MSE A 73 16.80 2.67 -10.10
CA MSE A 73 17.16 1.85 -11.24
C MSE A 73 17.58 2.70 -12.44
O MSE A 73 18.48 2.28 -13.20
CB MSE A 73 16.01 0.95 -11.68
CG MSE A 73 15.60 -0.10 -10.66
SE MSE A 73 13.84 -0.84 -10.95
CE MSE A 73 14.09 -1.55 -12.72
N SER A 74 16.99 3.88 -12.59
CA SER A 74 17.29 4.76 -13.71
C SER A 74 18.50 5.65 -13.43
N ALA A 75 18.75 5.94 -12.17
CA ALA A 75 19.83 6.84 -11.76
C ALA A 75 20.56 6.21 -10.57
N PRO A 76 21.28 5.11 -10.82
CA PRO A 76 21.78 4.32 -9.71
C PRO A 76 22.91 4.98 -8.94
N GLU A 77 23.51 6.00 -9.53
CA GLU A 77 24.58 6.76 -8.88
C GLU A 77 24.14 8.12 -8.43
N ALA A 78 22.83 8.39 -8.45
CA ALA A 78 22.35 9.71 -8.11
C ALA A 78 22.69 9.99 -6.66
N PRO A 79 23.23 11.17 -6.33
CA PRO A 79 23.43 11.47 -4.91
C PRO A 79 22.12 11.47 -4.14
N ASP A 80 21.02 11.73 -4.87
CA ASP A 80 19.67 11.83 -4.28
C ASP A 80 19.22 10.49 -3.68
N ARG A 81 19.88 9.41 -4.06
CA ARG A 81 19.50 8.04 -3.62
CA ARG A 81 19.46 8.08 -3.66
C ARG A 81 19.52 7.93 -2.12
N ALA A 82 20.41 8.61 -1.44
CA ALA A 82 20.42 8.54 0.01
C ALA A 82 19.12 9.05 0.59
N ARG A 83 18.61 10.17 0.07
CA ARG A 83 17.32 10.66 0.49
CA ARG A 83 17.32 10.68 0.45
C ARG A 83 16.22 9.69 0.09
N TRP A 84 16.28 9.16 -1.14
CA TRP A 84 15.23 8.23 -1.59
C TRP A 84 15.15 7.01 -0.65
N ARG A 85 16.31 6.49 -0.31
CA ARG A 85 16.39 5.33 0.57
CA ARG A 85 16.37 5.33 0.56
C ARG A 85 15.80 5.67 1.92
N SER A 86 16.09 6.84 2.47
CA SER A 86 15.54 7.25 3.75
CA SER A 86 15.54 7.21 3.78
C SER A 86 14.03 7.32 3.69
N GLU A 87 13.52 7.83 2.58
CA GLU A 87 12.07 7.95 2.42
C GLU A 87 11.46 6.56 2.41
N VAL A 88 12.10 5.67 1.66
CA VAL A 88 11.64 4.27 1.52
C VAL A 88 11.59 3.59 2.89
N VAL A 89 12.62 3.76 3.71
CA VAL A 89 12.64 3.14 5.04
C VAL A 89 11.46 3.65 5.86
N SER A 90 11.19 4.96 5.82
CA SER A 90 10.09 5.54 6.53
CA SER A 90 10.08 5.54 6.55
C SER A 90 8.75 5.00 6.05
N TRP A 91 8.57 4.96 4.76
CA TRP A 91 7.33 4.41 4.19
C TRP A 91 7.16 2.94 4.50
N HIS A 92 8.25 2.17 4.43
CA HIS A 92 8.17 0.75 4.64
C HIS A 92 7.82 0.47 6.10
N ASN A 93 8.38 1.22 7.05
CA ASN A 93 8.05 1.00 8.47
C ASN A 93 6.56 1.32 8.69
N LEU A 94 6.06 2.40 8.11
CA LEU A 94 4.64 2.72 8.21
C LEU A 94 3.80 1.61 7.56
N LEU A 95 4.25 1.08 6.43
CA LEU A 95 3.57 -0.02 5.77
C LEU A 95 3.48 -1.22 6.68
N LEU A 96 4.57 -1.53 7.39
CA LEU A 96 4.57 -2.72 8.28
C LEU A 96 3.60 -2.56 9.43
N ASP A 97 3.32 -1.32 9.81
CA ASP A 97 2.32 -0.97 10.86
C ASP A 97 0.89 -1.04 10.28
N THR A 98 0.73 -0.98 8.97
CA THR A 98 -0.58 -0.88 8.31
C THR A 98 -1.07 -2.20 7.76
N ILE A 99 -0.19 -2.99 7.16
CA ILE A 99 -0.58 -4.29 6.60
C ILE A 99 -1.03 -5.23 7.71
N THR A 100 -1.95 -6.13 7.34
CA THR A 100 -2.41 -7.18 8.18
C THR A 100 -2.49 -8.46 7.33
N PRO A 101 -2.57 -9.62 8.01
CA PRO A 101 -2.59 -10.87 7.25
C PRO A 101 -3.73 -10.95 6.28
N GLY A 102 -4.90 -10.48 6.67
CA GLY A 102 -6.03 -10.52 5.78
C GLY A 102 -6.00 -9.54 4.66
N MSE A 103 -5.09 -8.56 4.70
CA MSE A 103 -5.00 -7.51 3.69
CA MSE A 103 -5.09 -7.60 3.58
C MSE A 103 -4.02 -7.92 2.57
O MSE A 103 -4.08 -7.37 1.49
CB MSE A 103 -4.51 -6.24 4.40
CB MSE A 103 -5.13 -6.10 3.97
CG MSE A 103 -4.71 -5.01 3.56
CG MSE A 103 -3.94 -5.42 4.67
SE MSE A 103 -3.82 -3.45 4.18
SE MSE A 103 -3.85 -3.47 4.21
CE MSE A 103 -4.73 -3.24 5.67
CE MSE A 103 -5.55 -2.91 4.91
N ILE A 104 -3.11 -8.84 2.90
CA ILE A 104 -1.99 -9.19 1.96
C ILE A 104 -2.51 -9.48 0.54
N ASP A 105 -3.54 -10.31 0.41
CA ASP A 105 -4.08 -10.69 -0.91
CA ASP A 105 -3.96 -10.69 -0.95
C ASP A 105 -4.70 -9.58 -1.69
N ARG A 106 -5.02 -8.47 -1.02
CA ARG A 106 -5.63 -7.33 -1.64
C ARG A 106 -4.61 -6.31 -2.17
N ILE A 107 -3.31 -6.52 -1.89
CA ILE A 107 -2.26 -5.62 -2.36
C ILE A 107 -1.98 -6.05 -3.81
N ASP A 108 -2.36 -5.20 -4.78
CA ASP A 108 -2.36 -5.61 -6.22
C ASP A 108 -1.12 -5.02 -6.91
N ILE A 109 -0.01 -5.78 -6.89
CA ILE A 109 1.25 -5.28 -7.41
C ILE A 109 1.15 -5.00 -8.94
N GLY A 110 0.29 -5.73 -9.64
CA GLY A 110 0.13 -5.44 -11.08
C GLY A 110 -0.35 -4.03 -11.36
N VAL A 111 -1.33 -3.55 -10.57
CA VAL A 111 -1.85 -2.18 -10.68
C VAL A 111 -0.85 -1.20 -10.08
N ILE A 112 -0.29 -1.52 -8.90
CA ILE A 112 0.58 -0.60 -8.20
C ILE A 112 1.83 -0.29 -9.00
N TRP A 113 2.48 -1.32 -9.52
CA TRP A 113 3.74 -1.11 -10.24
C TRP A 113 3.52 -0.29 -11.51
N ARG A 114 2.43 -0.54 -12.21
CA ARG A 114 2.09 0.26 -13.40
C ARG A 114 2.03 1.74 -13.02
N ARG A 115 1.29 2.04 -11.95
CA ARG A 115 1.11 3.45 -11.59
CA ARG A 115 1.10 3.43 -11.52
C ARG A 115 2.45 4.03 -11.14
N ALA A 116 3.27 3.24 -10.47
CA ALA A 116 4.60 3.66 -10.03
C ALA A 116 5.50 3.98 -11.23
N VAL A 117 5.42 3.18 -12.30
CA VAL A 117 6.21 3.48 -13.49
C VAL A 117 5.76 4.80 -14.08
N SER A 118 4.46 5.03 -14.21
CA SER A 118 4.01 6.29 -14.78
C SER A 118 4.51 7.47 -13.93
N GLU A 119 4.38 7.36 -12.62
CA GLU A 119 4.82 8.40 -11.71
CA GLU A 119 4.82 8.42 -11.70
C GLU A 119 6.33 8.60 -11.74
N ALA A 120 7.08 7.52 -11.78
CA ALA A 120 8.55 7.59 -11.79
C ALA A 120 9.01 8.24 -13.08
N LYS A 121 8.38 7.91 -14.20
CA LYS A 121 8.82 8.52 -15.48
C LYS A 121 8.66 10.03 -15.41
N ALA A 122 7.57 10.51 -14.87
CA ALA A 122 7.34 11.98 -14.76
C ALA A 122 8.38 12.60 -13.84
N ALA A 123 8.69 11.89 -12.75
CA ALA A 123 9.60 12.46 -11.75
C ALA A 123 11.04 12.49 -12.29
N LEU A 124 11.39 11.51 -13.10
CA LEU A 124 12.70 11.42 -13.74
C LEU A 124 12.91 12.55 -14.76
N ILE A 125 11.89 12.82 -15.57
CA ILE A 125 11.95 13.94 -16.50
CA ILE A 125 11.87 13.98 -16.49
C ILE A 125 12.26 15.24 -15.73
N GLU A 126 11.64 15.43 -14.59
CA GLU A 126 11.82 16.64 -13.75
C GLU A 126 13.27 16.83 -13.30
N ILE A 127 13.96 15.72 -13.00
CA ILE A 127 15.35 15.78 -12.57
C ILE A 127 16.34 15.53 -13.71
N ASN A 128 15.81 15.56 -14.93
CA ASN A 128 16.60 15.41 -16.14
C ASN A 128 17.39 14.13 -16.23
N VAL A 129 16.71 13.03 -15.89
CA VAL A 129 17.26 11.70 -16.03
C VAL A 129 16.39 10.90 -16.96
N ALA A 130 17.02 10.24 -17.94
CA ALA A 130 16.28 9.33 -18.84
C ALA A 130 15.89 8.04 -18.10
N PRO A 131 14.66 7.52 -18.31
N PRO A 131 14.59 7.69 -18.18
CA PRO A 131 14.30 6.25 -17.62
CA PRO A 131 14.21 6.41 -17.70
C PRO A 131 15.12 4.99 -18.04
C PRO A 131 14.96 5.41 -18.51
N GLN A 132 15.20 3.95 -17.21
N GLN A 132 15.46 4.44 -17.79
CA GLN A 132 15.78 2.69 -17.71
CA GLN A 132 16.40 3.49 -18.29
C GLN A 132 15.30 2.45 -19.17
C GLN A 132 15.74 2.49 -19.15
N ALA A 133 16.19 2.02 -20.07
N ALA A 133 16.35 2.39 -20.34
CA ALA A 133 15.73 1.72 -21.42
CA ALA A 133 16.55 1.13 -21.03
C ALA A 133 14.76 0.54 -21.37
C ALA A 133 15.69 0.00 -20.50
N GLY A 134 15.07 -0.43 -20.50
N GLY A 134 14.58 -0.18 -21.22
CA GLY A 134 14.26 -1.65 -20.35
CA GLY A 134 13.72 -1.33 -21.03
C GLY A 134 13.12 -1.53 -19.34
C GLY A 134 12.77 -1.34 -19.84
N LEU A 135 12.75 -0.29 -19.00
CA LEU A 135 11.74 -0.13 -17.92
C LEU A 135 10.40 -0.63 -18.42
N SER A 136 9.80 -1.51 -17.64
CA SER A 136 8.58 -2.22 -18.00
C SER A 136 7.43 -1.82 -17.04
N PHE A 137 6.24 -1.73 -17.61
CA PHE A 137 5.02 -1.51 -16.82
C PHE A 137 4.54 -2.78 -16.12
N GLN A 138 5.17 -3.91 -16.40
CA GLN A 138 4.81 -5.22 -15.80
C GLN A 138 5.64 -5.47 -14.52
N ALA A 139 4.95 -5.66 -13.41
CA ALA A 139 5.64 -5.83 -12.11
C ALA A 139 6.62 -6.97 -12.20
N PRO A 140 7.87 -6.72 -11.75
CA PRO A 140 8.89 -7.77 -11.83
C PRO A 140 8.95 -8.64 -10.57
N LEU A 141 8.31 -8.18 -9.49
CA LEU A 141 8.34 -8.86 -8.19
C LEU A 141 6.94 -8.88 -7.60
N PRO A 142 6.62 -9.86 -6.77
CA PRO A 142 5.33 -9.92 -6.14
C PRO A 142 5.14 -8.87 -5.04
N ALA A 143 3.90 -8.60 -4.67
CA ALA A 143 3.57 -7.64 -3.57
C ALA A 143 4.34 -8.04 -2.32
N ASP A 144 4.40 -9.34 -2.05
CA ASP A 144 5.09 -9.89 -0.86
CA ASP A 144 5.02 -9.73 -0.76
C ASP A 144 6.53 -9.44 -0.69
N HIS A 145 7.19 -9.14 -1.81
CA HIS A 145 8.55 -8.71 -1.76
C HIS A 145 8.64 -7.40 -0.96
N PHE A 146 7.67 -6.53 -1.18
CA PHE A 146 7.69 -5.18 -0.55
C PHE A 146 7.10 -5.21 0.84
N LEU A 147 6.19 -6.15 1.08
CA LEU A 147 5.58 -6.32 2.39
C LEU A 147 6.51 -6.97 3.40
N ASP A 148 7.50 -7.71 2.92
CA ASP A 148 8.51 -8.41 3.71
C ASP A 148 9.09 -7.45 4.75
N GLU A 149 9.13 -7.88 6.01
CA GLU A 149 9.76 -7.07 7.06
C GLU A 149 11.21 -6.81 6.70
N ASP A 150 11.86 -7.70 5.97
CA ASP A 150 13.28 -7.60 5.65
C ASP A 150 13.52 -7.00 4.23
N PHE A 151 12.49 -6.40 3.64
CA PHE A 151 12.66 -5.67 2.37
C PHE A 151 13.86 -4.74 2.43
N ASP A 152 14.69 -4.83 1.39
CA ASP A 152 15.94 -4.11 1.29
CA ASP A 152 15.88 -4.02 1.31
C ASP A 152 15.94 -3.28 0.00
N TYR A 153 15.90 -1.97 0.12
CA TYR A 153 15.88 -1.08 -1.02
C TYR A 153 17.04 -1.29 -1.97
N ASP A 154 18.23 -1.18 -1.42
CA ASP A 154 19.40 -1.29 -2.29
C ASP A 154 19.50 -2.67 -2.95
N ALA A 155 19.17 -3.75 -2.25
CA ALA A 155 19.21 -5.10 -2.83
C ALA A 155 18.19 -5.26 -3.93
N THR A 156 17.06 -4.59 -3.74
CA THR A 156 15.99 -4.66 -4.75
C THR A 156 16.42 -3.91 -6.00
N VAL A 157 16.95 -2.71 -5.83
CA VAL A 157 17.45 -1.93 -6.94
C VAL A 157 18.50 -2.71 -7.70
N ALA A 158 19.38 -3.37 -6.99
CA ALA A 158 20.47 -4.08 -7.65
C ALA A 158 19.91 -5.25 -8.42
N ARG A 159 18.97 -5.99 -7.85
CA ARG A 159 18.47 -7.16 -8.57
CA ARG A 159 18.37 -7.16 -8.51
C ARG A 159 17.64 -6.83 -9.81
N LEU A 160 17.03 -5.63 -9.86
CA LEU A 160 16.22 -5.18 -10.99
C LEU A 160 17.02 -4.44 -12.09
N GLY A 161 18.33 -4.29 -11.92
CA GLY A 161 19.20 -3.69 -12.97
C GLY A 161 19.63 -4.73 -13.98
N PRO A 162 20.31 -4.30 -15.07
CA PRO A 162 20.73 -2.93 -15.42
C PRO A 162 20.00 -2.44 -16.69
#